data_4HUF
#
_entry.id   4HUF
#
_cell.length_a   64.193
_cell.length_b   64.748
_cell.length_c   116.470
_cell.angle_alpha   90.00
_cell.angle_beta   90.00
_cell.angle_gamma   90.00
#
_symmetry.space_group_name_H-M   'P 21 21 21'
#
loop_
_entity.id
_entity.type
_entity.pdbx_description
1 polymer 'Ribonuclease H'
2 polymer "DNA (5'-D(*CP*GP*CP*GP*AP*AP*(UCL)P*TP*CP*GP*CP*G)-3')"
3 non-polymer GLYCEROL
4 non-polymer 'MAGNESIUM ION'
5 non-polymer 1,2-ETHANEDIOL
6 water water
#
loop_
_entity_poly.entity_id
_entity_poly.type
_entity_poly.pdbx_seq_one_letter_code
_entity_poly.pdbx_strand_id
1 'polypeptide(L)'
;EEIIWESLSVDVGSQGNPGIVEYKGVDTKTGEVLFEREPIPIGTNNMGEFLAIVHGLRYLKERNSRKPIYSNSQTAIKWV
KDKKAKSTLVRNEETALIWKLVDEAEEWLNTHTYETPILKWQTDKWGEIKADYG
;
A,B
2 'polydeoxyribonucleotide' (DC)(DG)(DC)(DG)(DA)(DA)(UCL)(DT)(DC)(DG)(DC)(DG) C,D,E,F
#
loop_
_chem_comp.id
_chem_comp.type
_chem_comp.name
_chem_comp.formula
DA DNA linking 2'-DEOXYADENOSINE-5'-MONOPHOSPHATE 'C10 H14 N5 O6 P'
DC DNA linking 2'-DEOXYCYTIDINE-5'-MONOPHOSPHATE 'C9 H14 N3 O7 P'
DG DNA linking 2'-DEOXYGUANOSINE-5'-MONOPHOSPHATE 'C10 H14 N5 O7 P'
DT DNA linking THYMIDINE-5'-MONOPHOSPHATE 'C10 H15 N2 O8 P'
EDO non-polymer 1,2-ETHANEDIOL 'C2 H6 O2'
GOL non-polymer GLYCEROL 'C3 H8 O3'
MG non-polymer 'MAGNESIUM ION' 'Mg 2'
UCL DNA linking '5-CHLORO-2'-DEOXYURIDINE 5'-(DIHYDROGEN PHOSPHATE)' 'C9 H12 Cl N2 O8 P'
#
# COMPACT_ATOMS: atom_id res chain seq x y z
N GLU A 1 -6.36 16.94 25.11
CA GLU A 1 -6.76 15.54 25.09
C GLU A 1 -5.55 14.65 25.32
N GLU A 2 -5.67 13.65 26.19
CA GLU A 2 -4.53 12.82 26.53
C GLU A 2 -4.72 11.36 26.10
N ILE A 3 -3.60 10.66 25.95
CA ILE A 3 -3.61 9.25 25.55
C ILE A 3 -4.16 8.38 26.68
N ILE A 4 -5.06 7.48 26.33
CA ILE A 4 -5.48 6.43 27.23
C ILE A 4 -4.64 5.18 26.93
N TRP A 5 -3.65 4.91 27.78
CA TRP A 5 -2.73 3.81 27.55
C TRP A 5 -3.39 2.45 27.66
N GLU A 6 -4.38 2.34 28.55
CA GLU A 6 -5.11 1.09 28.67
C GLU A 6 -6.15 1.02 27.56
N SER A 7 -5.67 0.69 26.36
CA SER A 7 -6.53 0.72 25.18
C SER A 7 -5.98 -0.24 24.14
N LEU A 8 -6.71 -0.35 23.03
CA LEU A 8 -6.31 -1.18 21.91
C LEU A 8 -6.14 -0.26 20.71
N SER A 9 -5.08 -0.46 19.93
CA SER A 9 -4.86 0.35 18.73
C SER A 9 -4.86 -0.57 17.52
N VAL A 10 -5.48 -0.09 16.44
CA VAL A 10 -5.50 -0.87 15.18
C VAL A 10 -4.87 -0.07 14.03
N ASP A 11 -4.40 -0.79 13.02
CA ASP A 11 -3.90 -0.16 11.81
C ASP A 11 -3.81 -1.21 10.73
N VAL A 12 -3.65 -0.72 9.50
CA VAL A 12 -3.63 -1.55 8.31
C VAL A 12 -2.24 -1.52 7.71
N GLY A 13 -1.81 -2.66 7.17
CA GLY A 13 -0.64 -2.69 6.34
C GLY A 13 -1.10 -2.89 4.90
N SER A 14 -0.82 -1.92 4.04
CA SER A 14 -1.24 -1.99 2.65
C SER A 14 -0.06 -2.33 1.75
N GLN A 15 -0.34 -2.98 0.62
CA GLN A 15 0.63 -3.05 -0.48
C GLN A 15 -0.10 -2.51 -1.68
N GLY A 16 -0.11 -1.18 -1.77
CA GLY A 16 -0.90 -0.48 -2.75
C GLY A 16 -2.29 -0.10 -2.24
N ASN A 17 -2.87 0.93 -2.84
CA ASN A 17 -4.24 1.35 -2.56
C ASN A 17 -4.97 1.67 -3.85
N PRO A 18 -5.85 0.76 -4.31
CA PRO A 18 -6.16 -0.54 -3.70
C PRO A 18 -5.02 -1.51 -3.88
N GLY A 19 -5.02 -2.54 -3.05
CA GLY A 19 -3.94 -3.52 -3.06
C GLY A 19 -4.17 -4.52 -1.96
N ILE A 20 -3.12 -5.28 -1.63
CA ILE A 20 -3.24 -6.25 -0.54
C ILE A 20 -3.47 -5.51 0.78
N VAL A 21 -4.38 -6.05 1.58
CA VAL A 21 -4.74 -5.43 2.86
C VAL A 21 -4.54 -6.41 3.98
N GLU A 22 -3.80 -6.03 5.01
CA GLU A 22 -3.83 -6.77 6.26
C GLU A 22 -4.00 -5.79 7.40
N TYR A 23 -4.36 -6.29 8.57
CA TYR A 23 -4.49 -5.40 9.72
C TYR A 23 -4.20 -6.14 11.03
N LYS A 24 -3.99 -5.38 12.08
CA LYS A 24 -3.82 -5.99 13.38
C LYS A 24 -4.26 -5.04 14.47
N GLY A 25 -4.49 -5.61 15.65
CA GLY A 25 -4.84 -4.82 16.82
C GLY A 25 -3.83 -5.13 17.90
N VAL A 26 -3.31 -4.11 18.56
CA VAL A 26 -2.28 -4.30 19.58
C VAL A 26 -2.62 -3.56 20.85
N ASP A 27 -2.07 -4.03 21.97
CA ASP A 27 -2.15 -3.30 23.22
C ASP A 27 -1.36 -1.99 23.08
N THR A 28 -2.05 -0.86 23.32
CA THR A 28 -1.45 0.45 23.11
C THR A 28 -0.24 0.67 24.01
N LYS A 29 -0.30 0.08 25.19
CA LYS A 29 0.76 0.24 26.19
C LYS A 29 1.92 -0.69 25.89
N THR A 30 1.62 -1.98 25.72
CA THR A 30 2.66 -3.00 25.67
C THR A 30 3.08 -3.42 24.27
N GLY A 31 2.23 -3.18 23.28
CA GLY A 31 2.52 -3.56 21.92
C GLY A 31 2.17 -5.01 21.61
N GLU A 32 1.67 -5.73 22.62
CA GLU A 32 1.26 -7.11 22.43
C GLU A 32 0.25 -7.19 21.29
N VAL A 33 0.49 -8.07 20.33
CA VAL A 33 -0.46 -8.26 19.24
C VAL A 33 -1.62 -9.12 19.71
N LEU A 34 -2.82 -8.54 19.70
CA LEU A 34 -4.02 -9.19 20.21
C LEU A 34 -4.80 -9.95 19.13
N PHE A 35 -4.78 -9.42 17.90
CA PHE A 35 -5.38 -10.12 16.77
C PHE A 35 -4.77 -9.61 15.49
N GLU A 36 -4.82 -10.44 14.45
CA GLU A 36 -4.24 -10.12 13.15
C GLU A 36 -5.12 -10.72 12.08
N ARG A 37 -5.25 -10.04 10.96
CA ARG A 37 -5.94 -10.61 9.80
C ARG A 37 -4.89 -10.85 8.73
N GLU A 38 -4.80 -12.07 8.25
CA GLU A 38 -3.84 -12.36 7.19
C GLU A 38 -4.21 -11.61 5.91
N PRO A 39 -3.23 -11.42 5.01
CA PRO A 39 -3.43 -10.60 3.80
C PRO A 39 -4.63 -10.98 2.94
N ILE A 40 -5.45 -9.96 2.67
CA ILE A 40 -6.60 -10.08 1.78
C ILE A 40 -6.13 -9.57 0.43
N PRO A 41 -6.35 -10.36 -0.65
CA PRO A 41 -5.62 -10.09 -1.91
C PRO A 41 -5.86 -8.72 -2.53
N ILE A 42 -7.07 -8.18 -2.44
CA ILE A 42 -7.28 -6.78 -2.82
C ILE A 42 -8.34 -6.10 -1.97
N GLY A 43 -8.04 -4.88 -1.56
CA GLY A 43 -9.01 -4.03 -0.89
C GLY A 43 -8.48 -2.62 -0.86
N THR A 44 -9.24 -1.69 -0.32
CA THR A 44 -8.73 -0.34 -0.12
C THR A 44 -8.24 -0.22 1.30
N ASN A 45 -7.35 0.74 1.53
CA ASN A 45 -6.90 1.00 2.88
C ASN A 45 -8.06 1.34 3.83
N ASN A 46 -9.00 2.14 3.33
CA ASN A 46 -10.20 2.49 4.12
C ASN A 46 -11.02 1.27 4.53
N MET A 47 -11.24 0.36 3.60
CA MET A 47 -11.96 -0.88 3.94
C MET A 47 -11.21 -1.65 5.01
N GLY A 48 -9.90 -1.71 4.87
CA GLY A 48 -9.10 -2.39 5.88
C GLY A 48 -9.20 -1.76 7.26
N GLU A 49 -9.18 -0.43 7.31
CA GLU A 49 -9.27 0.25 8.59
C GLU A 49 -10.64 0.01 9.24
N PHE A 50 -11.68 -0.07 8.40
CA PHE A 50 -13.05 -0.33 8.85
C PHE A 50 -13.12 -1.73 9.45
N LEU A 51 -12.60 -2.72 8.73
CA LEU A 51 -12.59 -4.10 9.25
C LEU A 51 -11.79 -4.19 10.55
N ALA A 52 -10.69 -3.47 10.63
CA ALA A 52 -9.86 -3.51 11.83
C ALA A 52 -10.59 -3.01 13.07
N ILE A 53 -11.33 -1.92 12.94
CA ILE A 53 -12.11 -1.43 14.07
C ILE A 53 -13.19 -2.43 14.47
N VAL A 54 -13.93 -2.94 13.48
CA VAL A 54 -15.01 -3.87 13.82
C VAL A 54 -14.46 -5.15 14.45
N HIS A 55 -13.33 -5.64 13.94
CA HIS A 55 -12.69 -6.80 14.56
C HIS A 55 -12.35 -6.50 16.01
N GLY A 56 -11.81 -5.31 16.27
CA GLY A 56 -11.54 -4.86 17.63
C GLY A 56 -12.78 -4.84 18.51
N LEU A 57 -13.89 -4.35 17.98
CA LEU A 57 -15.12 -4.31 18.75
C LEU A 57 -15.58 -5.73 19.11
N ARG A 58 -15.50 -6.63 18.15
CA ARG A 58 -15.90 -8.02 18.41
CA ARG A 58 -15.88 -8.04 18.38
C ARG A 58 -14.97 -8.68 19.43
N TYR A 59 -13.68 -8.44 19.30
CA TYR A 59 -12.68 -8.96 20.22
C TYR A 59 -12.93 -8.47 21.65
N LEU A 60 -13.14 -7.18 21.82
CA LEU A 60 -13.31 -6.59 23.14
C LEU A 60 -14.64 -7.02 23.72
N LYS A 61 -15.66 -7.14 22.88
CA LYS A 61 -16.96 -7.59 23.40
C LYS A 61 -16.87 -9.02 23.92
N GLU A 62 -16.18 -9.90 23.19
CA GLU A 62 -16.04 -11.31 23.59
C GLU A 62 -15.38 -11.42 24.96
N ARG A 63 -14.41 -10.54 25.17
CA ARG A 63 -13.66 -10.53 26.42
C ARG A 63 -14.30 -9.70 27.52
N ASN A 64 -15.43 -9.05 27.20
CA ASN A 64 -16.14 -8.15 28.13
C ASN A 64 -15.22 -7.03 28.62
N SER A 65 -14.42 -6.50 27.72
CA SER A 65 -13.45 -5.46 28.07
C SER A 65 -14.04 -4.09 27.80
N ARG A 66 -13.74 -3.12 28.67
CA ARG A 66 -14.26 -1.78 28.45
C ARG A 66 -13.19 -0.82 27.89
N LYS A 67 -12.06 -1.37 27.46
CA LYS A 67 -10.99 -0.55 26.86
C LYS A 67 -11.45 0.10 25.57
N PRO A 68 -11.00 1.35 25.32
CA PRO A 68 -11.33 1.99 24.04
C PRO A 68 -10.43 1.48 22.92
N ILE A 69 -10.84 1.77 21.68
CA ILE A 69 -10.06 1.44 20.51
C ILE A 69 -9.56 2.74 19.89
N TYR A 70 -8.26 2.79 19.55
CA TYR A 70 -7.73 3.91 18.77
C TYR A 70 -7.56 3.53 17.30
N SER A 71 -7.99 4.40 16.41
CA SER A 71 -7.76 4.25 14.98
C SER A 71 -7.24 5.57 14.45
N ASN A 72 -6.33 5.53 13.47
CA ASN A 72 -5.88 6.79 12.90
CA ASN A 72 -5.85 6.76 12.86
C ASN A 72 -6.67 7.17 11.65
N SER A 73 -7.74 6.41 11.38
CA SER A 73 -8.56 6.64 10.19
C SER A 73 -9.88 7.34 10.52
N GLN A 74 -9.93 8.65 10.30
CA GLN A 74 -11.18 9.37 10.54
C GLN A 74 -12.32 8.81 9.69
N THR A 75 -11.98 8.38 8.47
CA THR A 75 -12.98 7.81 7.57
C THR A 75 -13.57 6.51 8.12
N ALA A 76 -12.71 5.60 8.52
CA ALA A 76 -13.19 4.32 9.08
C ALA A 76 -13.98 4.52 10.35
N ILE A 77 -13.55 5.45 11.18
CA ILE A 77 -14.30 5.77 12.39
C ILE A 77 -15.72 6.20 12.04
N LYS A 78 -15.84 7.07 11.05
CA LYS A 78 -17.17 7.54 10.64
C LYS A 78 -18.03 6.40 10.08
N TRP A 79 -17.41 5.52 9.29
CA TRP A 79 -18.15 4.41 8.72
C TRP A 79 -18.68 3.50 9.82
N VAL A 80 -17.87 3.26 10.84
CA VAL A 80 -18.32 2.39 11.94
C VAL A 80 -19.45 3.06 12.70
N LYS A 81 -19.30 4.34 12.97
CA LYS A 81 -20.35 5.05 13.70
C LYS A 81 -21.64 5.13 12.88
N ASP A 82 -21.51 5.28 11.57
CA ASP A 82 -22.66 5.28 10.67
C ASP A 82 -23.23 3.89 10.44
N LYS A 83 -22.51 2.86 10.88
CA LYS A 83 -22.79 1.48 10.55
C LYS A 83 -22.93 1.27 9.03
N LYS A 84 -22.10 1.97 8.25
CA LYS A 84 -22.18 1.90 6.80
C LYS A 84 -20.82 2.24 6.20
N ALA A 85 -20.19 1.27 5.53
CA ALA A 85 -18.89 1.50 4.86
C ALA A 85 -19.11 2.04 3.46
N LYS A 86 -18.90 3.34 3.31
CA LYS A 86 -19.18 4.02 2.04
C LYS A 86 -18.00 3.90 1.07
N SER A 87 -17.61 2.67 0.77
CA SER A 87 -16.54 2.41 -0.17
C SER A 87 -17.05 2.42 -1.62
N THR A 88 -16.19 2.89 -2.53
CA THR A 88 -16.49 2.93 -3.94
C THR A 88 -15.82 1.80 -4.71
N LEU A 89 -15.16 0.89 -4.01
CA LEU A 89 -14.43 -0.20 -4.66
C LEU A 89 -15.39 -1.08 -5.43
N VAL A 90 -15.05 -1.36 -6.69
CA VAL A 90 -15.91 -2.16 -7.55
C VAL A 90 -16.13 -3.53 -6.94
N ARG A 91 -17.34 -4.07 -7.10
CA ARG A 91 -17.64 -5.42 -6.66
C ARG A 91 -17.49 -6.36 -7.84
N ASN A 92 -16.43 -7.16 -7.83
CA ASN A 92 -16.23 -8.21 -8.83
C ASN A 92 -15.65 -9.45 -8.16
N GLU A 93 -15.26 -10.46 -8.94
CA GLU A 93 -14.71 -11.66 -8.32
C GLU A 93 -13.41 -11.36 -7.60
N GLU A 94 -12.62 -10.45 -8.15
CA GLU A 94 -11.34 -10.09 -7.55
C GLU A 94 -11.54 -9.50 -6.15
N THR A 95 -12.58 -8.68 -6.00
CA THR A 95 -12.82 -7.97 -4.74
C THR A 95 -13.87 -8.66 -3.88
N ALA A 96 -14.24 -9.87 -4.25
CA ALA A 96 -15.30 -10.59 -3.53
C ALA A 96 -15.01 -10.78 -2.05
N LEU A 97 -13.76 -11.11 -1.72
CA LEU A 97 -13.42 -11.38 -0.32
C LEU A 97 -13.50 -10.14 0.55
N ILE A 98 -12.88 -9.05 0.11
CA ILE A 98 -12.90 -7.83 0.93
C ILE A 98 -14.34 -7.36 1.11
N TRP A 99 -15.17 -7.47 0.09
CA TRP A 99 -16.54 -7.03 0.21
C TRP A 99 -17.37 -7.96 1.08
N LYS A 100 -17.05 -9.25 1.05
CA LYS A 100 -17.73 -10.20 1.94
C LYS A 100 -17.43 -9.83 3.39
N LEU A 101 -16.18 -9.52 3.67
CA LEU A 101 -15.82 -9.15 5.04
C LEU A 101 -16.47 -7.83 5.45
N VAL A 102 -16.51 -6.85 4.54
CA VAL A 102 -17.08 -5.56 4.86
C VAL A 102 -18.59 -5.71 5.09
N ASP A 103 -19.23 -6.47 4.22
CA ASP A 103 -20.66 -6.71 4.36
C ASP A 103 -20.97 -7.39 5.68
N GLU A 104 -20.14 -8.35 6.06
CA GLU A 104 -20.33 -9.06 7.32
C GLU A 104 -20.08 -8.16 8.53
N ALA A 105 -19.12 -7.24 8.41
CA ALA A 105 -18.81 -6.34 9.52
C ALA A 105 -19.95 -5.34 9.69
N GLU A 106 -20.52 -4.88 8.58
CA GLU A 106 -21.71 -4.05 8.63
C GLU A 106 -22.86 -4.79 9.28
N GLU A 107 -23.01 -6.05 8.92
CA GLU A 107 -24.09 -6.86 9.47
C GLU A 107 -23.91 -6.98 10.98
N TRP A 108 -22.67 -7.16 11.40
CA TRP A 108 -22.39 -7.28 12.83
C TRP A 108 -22.81 -5.98 13.53
N LEU A 109 -22.42 -4.84 12.97
CA LEU A 109 -22.71 -3.56 13.62
C LEU A 109 -24.22 -3.33 13.70
N ASN A 110 -24.94 -3.77 12.68
CA ASN A 110 -26.39 -3.52 12.68
C ASN A 110 -27.19 -4.51 13.55
N THR A 111 -26.50 -5.50 14.10
CA THR A 111 -27.16 -6.53 14.93
C THR A 111 -26.58 -6.66 16.35
N HIS A 112 -25.68 -5.75 16.72
CA HIS A 112 -25.08 -5.80 18.05
C HIS A 112 -24.97 -4.40 18.63
N THR A 113 -24.89 -4.33 19.97
CA THR A 113 -24.54 -3.09 20.65
C THR A 113 -23.13 -3.27 21.20
N TYR A 114 -22.48 -2.17 21.55
CA TYR A 114 -21.14 -2.26 22.14
C TYR A 114 -20.86 -1.05 23.00
N GLU A 115 -19.98 -1.21 23.99
CA GLU A 115 -19.69 -0.11 24.90
CA GLU A 115 -19.66 -0.15 24.95
C GLU A 115 -18.38 0.58 24.58
N THR A 116 -17.59 -0.03 23.72
CA THR A 116 -16.26 0.47 23.40
C THR A 116 -16.24 1.88 22.81
N PRO A 117 -15.52 2.81 23.46
CA PRO A 117 -15.36 4.13 22.83
C PRO A 117 -14.39 4.00 21.66
N ILE A 118 -14.70 4.61 20.53
CA ILE A 118 -13.81 4.55 19.37
C ILE A 118 -13.19 5.92 19.21
N LEU A 119 -11.88 6.00 19.42
CA LEU A 119 -11.17 7.28 19.52
C LEU A 119 -10.22 7.49 18.36
N LYS A 120 -10.03 8.75 17.96
CA LYS A 120 -9.06 9.08 16.92
C LYS A 120 -7.67 9.18 17.51
N TRP A 121 -6.73 8.43 16.92
CA TRP A 121 -5.33 8.53 17.32
C TRP A 121 -4.77 9.78 16.67
N GLN A 122 -4.10 10.60 17.45
CA GLN A 122 -3.61 11.88 16.99
C GLN A 122 -2.13 11.78 16.66
N THR A 123 -1.82 11.37 15.42
CA THR A 123 -0.44 11.10 15.03
C THR A 123 0.44 12.34 15.17
N ASP A 124 -0.13 13.50 14.85
CA ASP A 124 0.65 14.74 14.90
C ASP A 124 0.99 15.14 16.32
N LYS A 125 0.20 14.70 17.29
CA LYS A 125 0.51 14.94 18.70
C LYS A 125 1.35 13.83 19.33
N TRP A 126 1.02 12.58 19.01
CA TRP A 126 1.47 11.43 19.79
C TRP A 126 2.42 10.50 19.04
N GLY A 127 2.76 10.84 17.81
CA GLY A 127 3.65 9.97 17.05
C GLY A 127 2.88 8.80 16.47
N GLU A 128 3.59 7.77 16.05
CA GLU A 128 2.95 6.69 15.32
CA GLU A 128 3.03 6.61 15.35
C GLU A 128 2.01 5.83 16.18
N ILE A 129 0.92 5.40 15.56
CA ILE A 129 0.00 4.51 16.26
C ILE A 129 0.76 3.20 16.48
N LYS A 130 0.49 2.53 17.60
CA LYS A 130 1.27 1.40 18.08
C LYS A 130 1.16 0.18 17.16
N ALA A 131 0.07 0.14 16.38
CA ALA A 131 -0.18 -0.96 15.46
C ALA A 131 0.41 -0.73 14.07
N ASP A 132 1.14 0.38 13.92
CA ASP A 132 1.75 0.76 12.64
C ASP A 132 2.63 -0.37 12.08
N TYR A 133 2.51 -0.60 10.77
CA TYR A 133 3.30 -1.66 10.13
C TYR A 133 4.70 -1.19 9.77
N GLY A 134 4.90 0.12 9.74
CA GLY A 134 6.21 0.66 9.37
C GLY A 134 6.65 0.27 7.96
N GLU B 1 -8.16 10.39 -14.07
CA GLU B 1 -7.82 10.67 -15.46
C GLU B 1 -7.23 12.06 -15.61
N GLU B 2 -6.63 12.57 -14.54
CA GLU B 2 -5.94 13.87 -14.62
C GLU B 2 -4.54 13.82 -14.00
N ILE B 3 -3.65 14.62 -14.56
CA ILE B 3 -2.24 14.56 -14.15
C ILE B 3 -2.04 15.07 -12.74
N ILE B 4 -1.31 14.30 -11.95
CA ILE B 4 -0.93 14.70 -10.60
C ILE B 4 0.50 15.22 -10.68
N TRP B 5 0.66 16.53 -10.61
CA TRP B 5 1.97 17.14 -10.77
C TRP B 5 2.92 16.80 -9.64
N GLU B 6 2.37 16.66 -8.43
CA GLU B 6 3.16 16.35 -7.25
C GLU B 6 3.38 14.83 -7.21
N SER B 7 4.28 14.35 -8.06
CA SER B 7 4.48 12.92 -8.25
C SER B 7 5.90 12.64 -8.69
N LEU B 8 6.23 11.36 -8.79
CA LEU B 8 7.51 10.91 -9.30
C LEU B 8 7.25 10.13 -10.60
N SER B 9 8.05 10.39 -11.64
CA SER B 9 7.90 9.68 -12.90
C SER B 9 9.14 8.84 -13.14
N VAL B 10 8.96 7.60 -13.60
CA VAL B 10 10.12 6.75 -13.89
C VAL B 10 10.22 6.48 -15.37
N ASP B 11 11.45 6.45 -15.86
CA ASP B 11 11.69 6.29 -17.27
C ASP B 11 12.80 5.29 -17.46
N VAL B 12 12.68 4.44 -18.47
CA VAL B 12 13.69 3.45 -18.75
C VAL B 12 14.22 3.76 -20.15
N GLY B 13 15.53 3.68 -20.30
CA GLY B 13 16.14 3.74 -21.62
C GLY B 13 16.69 2.36 -21.95
N SER B 14 16.30 1.84 -23.12
CA SER B 14 16.82 0.55 -23.59
C SER B 14 17.60 0.73 -24.88
N GLN B 15 18.78 0.13 -24.96
CA GLN B 15 19.49 0.04 -26.23
C GLN B 15 19.43 -1.41 -26.66
N GLY B 16 18.34 -1.76 -27.33
CA GLY B 16 18.09 -3.14 -27.68
C GLY B 16 17.24 -3.76 -26.59
N ASN B 17 16.45 -4.75 -26.99
CA ASN B 17 15.58 -5.47 -26.07
C ASN B 17 15.57 -6.94 -26.46
N PRO B 18 16.34 -7.77 -25.74
CA PRO B 18 17.17 -7.44 -24.57
C PRO B 18 18.39 -6.63 -24.97
N GLY B 19 18.89 -5.83 -24.06
CA GLY B 19 20.05 -4.99 -24.33
C GLY B 19 20.42 -4.21 -23.11
N ILE B 20 21.19 -3.13 -23.29
CA ILE B 20 21.58 -2.25 -22.19
C ILE B 20 20.34 -1.55 -21.63
N VAL B 21 20.20 -1.60 -20.32
CA VAL B 21 19.04 -0.99 -19.70
C VAL B 21 19.44 -0.06 -18.55
N GLU B 22 18.83 1.12 -18.52
CA GLU B 22 19.06 2.07 -17.44
C GLU B 22 17.73 2.73 -17.12
N TYR B 23 17.65 3.38 -15.97
CA TYR B 23 16.42 4.07 -15.64
C TYR B 23 16.69 5.24 -14.73
N LYS B 24 15.74 6.14 -14.62
CA LYS B 24 15.83 7.15 -13.59
C LYS B 24 14.46 7.54 -13.10
N GLY B 25 14.41 8.15 -11.92
CA GLY B 25 13.16 8.67 -11.39
C GLY B 25 13.31 10.17 -11.32
N VAL B 26 12.29 10.89 -11.80
CA VAL B 26 12.36 12.33 -11.82
C VAL B 26 11.12 12.98 -11.21
N ASP B 27 11.29 14.19 -10.71
CA ASP B 27 10.17 14.94 -10.20
C ASP B 27 9.30 15.36 -11.39
N THR B 28 8.02 15.01 -11.35
CA THR B 28 7.16 15.19 -12.51
C THR B 28 7.01 16.66 -12.90
N LYS B 29 7.00 17.55 -11.91
CA LYS B 29 6.84 18.97 -12.23
C LYS B 29 8.17 19.65 -12.54
N THR B 30 9.17 19.41 -11.70
CA THR B 30 10.47 20.10 -11.85
C THR B 30 11.42 19.44 -12.85
N GLY B 31 11.22 18.14 -13.11
CA GLY B 31 12.10 17.41 -14.00
C GLY B 31 13.42 17.04 -13.35
N GLU B 32 13.57 17.39 -12.08
CA GLU B 32 14.78 17.10 -11.34
C GLU B 32 14.99 15.60 -11.20
N VAL B 33 16.19 15.13 -11.50
CA VAL B 33 16.48 13.71 -11.35
C VAL B 33 16.64 13.37 -9.87
N LEU B 34 15.82 12.44 -9.37
CA LEU B 34 15.78 12.12 -7.95
C LEU B 34 16.55 10.84 -7.63
N PHE B 35 16.58 9.91 -8.58
CA PHE B 35 17.47 8.75 -8.52
C PHE B 35 17.77 8.26 -9.93
N GLU B 36 18.89 7.58 -10.08
CA GLU B 36 19.23 7.00 -11.37
C GLU B 36 19.99 5.70 -11.20
N ARG B 37 19.92 4.87 -12.23
CA ARG B 37 20.56 3.56 -12.22
C ARG B 37 21.59 3.55 -13.33
N GLU B 38 22.83 3.20 -12.99
CA GLU B 38 23.88 3.00 -14.00
C GLU B 38 23.48 1.88 -14.97
N PRO B 39 23.78 2.04 -16.26
CA PRO B 39 23.42 1.05 -17.28
C PRO B 39 23.78 -0.40 -16.90
N ILE B 40 22.82 -1.30 -17.08
CA ILE B 40 23.01 -2.73 -16.88
C ILE B 40 23.18 -3.33 -18.28
N PRO B 41 24.29 -4.08 -18.49
CA PRO B 41 24.65 -4.55 -19.84
C PRO B 41 23.55 -5.34 -20.55
N ILE B 42 22.86 -6.24 -19.83
CA ILE B 42 21.82 -7.04 -20.45
C ILE B 42 20.58 -7.14 -19.57
N GLY B 43 19.45 -6.71 -20.10
CA GLY B 43 18.17 -6.85 -19.41
C GLY B 43 17.07 -6.60 -20.41
N THR B 44 15.82 -6.83 -20.03
CA THR B 44 14.70 -6.50 -20.92
C THR B 44 14.12 -5.15 -20.53
N ASN B 45 13.39 -4.54 -21.44
CA ASN B 45 12.74 -3.27 -21.16
CA ASN B 45 12.71 -3.27 -21.17
C ASN B 45 11.78 -3.40 -19.97
N ASN B 46 10.99 -4.47 -19.97
CA ASN B 46 10.06 -4.70 -18.87
C ASN B 46 10.76 -4.87 -17.53
N MET B 47 11.90 -5.56 -17.52
CA MET B 47 12.63 -5.73 -16.27
C MET B 47 13.07 -4.37 -15.76
N GLY B 48 13.53 -3.52 -16.68
CA GLY B 48 13.96 -2.19 -16.30
C GLY B 48 12.82 -1.37 -15.73
N GLU B 49 11.64 -1.46 -16.35
CA GLU B 49 10.48 -0.72 -15.89
C GLU B 49 10.06 -1.20 -14.50
N PHE B 50 10.14 -2.50 -14.27
CA PHE B 50 9.84 -3.10 -12.97
C PHE B 50 10.83 -2.61 -11.90
N LEU B 51 12.12 -2.69 -12.20
CA LEU B 51 13.11 -2.18 -11.23
C LEU B 51 12.88 -0.70 -10.91
N ALA B 52 12.56 0.08 -11.93
CA ALA B 52 12.36 1.52 -11.75
C ALA B 52 11.20 1.82 -10.79
N ILE B 53 10.09 1.11 -10.95
CA ILE B 53 8.96 1.35 -10.05
C ILE B 53 9.34 0.95 -8.63
N VAL B 54 9.96 -0.20 -8.45
CA VAL B 54 10.31 -0.65 -7.09
C VAL B 54 11.35 0.28 -6.45
N HIS B 55 12.31 0.73 -7.24
CA HIS B 55 13.25 1.75 -6.76
C HIS B 55 12.50 2.98 -6.30
N GLY B 56 11.49 3.40 -7.07
CA GLY B 56 10.64 4.52 -6.68
C GLY B 56 9.89 4.29 -5.37
N LEU B 57 9.34 3.09 -5.21
CA LEU B 57 8.63 2.76 -3.97
C LEU B 57 9.55 2.87 -2.77
N ARG B 58 10.78 2.38 -2.93
CA ARG B 58 11.75 2.37 -1.82
C ARG B 58 12.20 3.79 -1.53
N TYR B 59 12.49 4.54 -2.59
CA TYR B 59 12.86 5.95 -2.46
C TYR B 59 11.80 6.75 -1.73
N LEU B 60 10.54 6.59 -2.14
CA LEU B 60 9.47 7.41 -1.56
C LEU B 60 9.20 6.95 -0.14
N LYS B 61 9.41 5.67 0.15
CA LYS B 61 9.15 5.19 1.50
C LYS B 61 10.18 5.76 2.46
N GLU B 62 11.44 5.76 2.02
CA GLU B 62 12.55 6.30 2.82
C GLU B 62 12.33 7.78 3.11
N ARG B 63 11.81 8.48 2.11
CA ARG B 63 11.58 9.92 2.19
C ARG B 63 10.29 10.25 2.96
N ASN B 64 9.45 9.23 3.16
CA ASN B 64 8.11 9.38 3.70
C ASN B 64 7.26 10.35 2.87
N SER B 65 7.39 10.22 1.55
CA SER B 65 6.65 11.07 0.62
C SER B 65 5.40 10.36 0.11
N ARG B 66 4.30 11.12 0.03
CA ARG B 66 3.05 10.61 -0.53
C ARG B 66 2.93 10.70 -2.05
N LYS B 67 3.99 11.14 -2.74
CA LYS B 67 3.91 11.23 -4.19
C LYS B 67 3.48 9.92 -4.83
N PRO B 68 2.55 9.98 -5.80
CA PRO B 68 2.34 8.79 -6.63
C PRO B 68 3.53 8.59 -7.57
N ILE B 69 3.66 7.38 -8.12
CA ILE B 69 4.64 7.09 -9.16
C ILE B 69 3.91 6.95 -10.48
N TYR B 70 4.44 7.59 -11.53
CA TYR B 70 3.95 7.35 -12.89
C TYR B 70 4.92 6.47 -13.64
N SER B 71 4.38 5.48 -14.33
CA SER B 71 5.15 4.58 -15.21
C SER B 71 4.43 4.48 -16.55
N ASN B 72 5.19 4.36 -17.63
CA ASN B 72 4.56 4.17 -18.93
C ASN B 72 4.36 2.69 -19.25
N SER B 73 4.66 1.81 -18.30
CA SER B 73 4.65 0.37 -18.58
C SER B 73 3.51 -0.34 -17.87
N GLN B 74 2.42 -0.64 -18.58
CA GLN B 74 1.33 -1.40 -17.96
C GLN B 74 1.81 -2.76 -17.48
N THR B 75 2.76 -3.36 -18.19
CA THR B 75 3.30 -4.66 -17.79
C THR B 75 4.00 -4.60 -16.43
N ALA B 76 4.88 -3.61 -16.28
CA ALA B 76 5.61 -3.45 -15.02
C ALA B 76 4.68 -3.13 -13.87
N ILE B 77 3.67 -2.31 -14.13
CA ILE B 77 2.68 -2.00 -13.11
C ILE B 77 2.01 -3.28 -12.61
N LYS B 78 1.64 -4.15 -13.55
CA LYS B 78 1.04 -5.44 -13.19
C LYS B 78 2.01 -6.32 -12.42
N TRP B 79 3.26 -6.38 -12.85
CA TRP B 79 4.25 -7.20 -12.16
C TRP B 79 4.43 -6.73 -10.71
N VAL B 80 4.42 -5.43 -10.48
CA VAL B 80 4.53 -4.92 -9.11
C VAL B 80 3.32 -5.33 -8.28
N LYS B 81 2.14 -5.19 -8.86
CA LYS B 81 0.92 -5.60 -8.16
C LYS B 81 0.93 -7.11 -7.85
N ASP B 82 1.42 -7.92 -8.79
CA ASP B 82 1.51 -9.36 -8.59
C ASP B 82 2.68 -9.77 -7.70
N LYS B 83 3.56 -8.82 -7.41
CA LYS B 83 4.83 -9.12 -6.74
C LYS B 83 5.62 -10.22 -7.46
N LYS B 84 5.59 -10.17 -8.78
CA LYS B 84 6.19 -11.22 -9.59
C LYS B 84 6.50 -10.68 -10.97
N ALA B 85 7.79 -10.54 -11.26
CA ALA B 85 8.25 -10.12 -12.58
C ALA B 85 8.25 -11.32 -13.52
N LYS B 86 7.21 -11.41 -14.35
CA LYS B 86 7.03 -12.59 -15.18
C LYS B 86 7.85 -12.45 -16.46
N SER B 87 9.16 -12.31 -16.28
CA SER B 87 10.08 -12.20 -17.42
C SER B 87 10.48 -13.58 -17.92
N THR B 88 10.66 -13.68 -19.24
CA THR B 88 11.09 -14.92 -19.88
C THR B 88 12.57 -14.87 -20.22
N LEU B 89 13.27 -13.85 -19.75
CA LEU B 89 14.68 -13.69 -20.08
C LEU B 89 15.45 -14.87 -19.54
N VAL B 90 16.33 -15.44 -20.36
CA VAL B 90 17.11 -16.57 -19.91
C VAL B 90 17.94 -16.18 -18.69
N ARG B 91 18.08 -17.11 -17.75
CA ARG B 91 18.99 -16.94 -16.62
C ARG B 91 20.32 -17.61 -16.94
N ASN B 92 21.33 -16.80 -17.22
CA ASN B 92 22.69 -17.31 -17.39
C ASN B 92 23.70 -16.34 -16.77
N GLU B 93 24.99 -16.55 -17.02
CA GLU B 93 26.03 -15.67 -16.47
C GLU B 93 25.87 -14.22 -16.96
N GLU B 94 25.47 -14.08 -18.21
CA GLU B 94 25.28 -12.77 -18.83
C GLU B 94 24.12 -11.99 -18.21
N THR B 95 23.08 -12.70 -17.82
CA THR B 95 21.87 -12.06 -17.31
C THR B 95 21.80 -12.15 -15.80
N ALA B 96 22.90 -12.58 -15.18
CA ALA B 96 22.93 -12.79 -13.73
C ALA B 96 22.65 -11.51 -12.95
N LEU B 97 23.20 -10.39 -13.40
CA LEU B 97 23.02 -9.13 -12.65
C LEU B 97 21.57 -8.65 -12.68
N ILE B 98 20.98 -8.60 -13.87
CA ILE B 98 19.61 -8.10 -13.95
C ILE B 98 18.68 -8.99 -13.16
N TRP B 99 18.91 -10.30 -13.19
CA TRP B 99 18.05 -11.21 -12.46
C TRP B 99 18.26 -11.06 -10.96
N LYS B 100 19.50 -10.79 -10.55
CA LYS B 100 19.75 -10.60 -9.11
C LYS B 100 18.94 -9.40 -8.61
N LEU B 101 19.01 -8.31 -9.38
CA LEU B 101 18.26 -7.10 -9.02
C LEU B 101 16.75 -7.35 -9.05
N VAL B 102 16.28 -8.07 -10.06
CA VAL B 102 14.83 -8.37 -10.12
C VAL B 102 14.38 -9.23 -8.94
N ASP B 103 15.16 -10.25 -8.62
CA ASP B 103 14.82 -11.11 -7.49
C ASP B 103 14.78 -10.29 -6.19
N GLU B 104 15.72 -9.36 -6.05
CA GLU B 104 15.76 -8.53 -4.84
C GLU B 104 14.63 -7.53 -4.78
N ALA B 105 14.19 -7.06 -5.94
CA ALA B 105 13.05 -6.15 -6.00
C ALA B 105 11.77 -6.87 -5.61
N GLU B 106 11.61 -8.12 -6.07
CA GLU B 106 10.50 -8.96 -5.62
C GLU B 106 10.55 -9.17 -4.12
N GLU B 107 11.73 -9.46 -3.59
CA GLU B 107 11.86 -9.65 -2.16
C GLU B 107 11.50 -8.39 -1.39
N TRP B 108 11.87 -7.23 -1.91
CA TRP B 108 11.47 -5.98 -1.27
C TRP B 108 9.95 -5.88 -1.21
N LEU B 109 9.31 -6.12 -2.34
CA LEU B 109 7.84 -6.08 -2.39
C LEU B 109 7.21 -7.07 -1.42
N ASN B 110 7.86 -8.23 -1.26
CA ASN B 110 7.32 -9.29 -0.39
C ASN B 110 7.46 -8.94 1.08
N THR B 111 8.28 -7.95 1.41
CA THR B 111 8.59 -7.66 2.82
C THR B 111 8.29 -6.24 3.28
N HIS B 112 7.67 -5.43 2.43
CA HIS B 112 7.35 -4.07 2.82
C HIS B 112 5.92 -3.71 2.49
N THR B 113 5.36 -2.79 3.27
CA THR B 113 4.08 -2.22 2.93
C THR B 113 4.31 -0.87 2.25
N TYR B 114 3.32 -0.41 1.50
CA TYR B 114 3.39 0.91 0.90
C TYR B 114 1.99 1.32 0.51
N GLU B 115 1.74 2.63 0.45
CA GLU B 115 0.44 3.12 -0.02
C GLU B 115 0.56 3.91 -1.32
N THR B 116 1.79 4.05 -1.82
CA THR B 116 2.05 4.80 -3.04
C THR B 116 1.17 4.36 -4.21
N PRO B 117 0.37 5.29 -4.77
CA PRO B 117 -0.36 5.01 -6.01
C PRO B 117 0.62 4.80 -7.15
N ILE B 118 0.39 3.78 -7.96
CA ILE B 118 1.28 3.50 -9.09
C ILE B 118 0.39 3.65 -10.31
N LEU B 119 0.64 4.69 -11.08
CA LEU B 119 -0.29 5.17 -12.08
C LEU B 119 0.29 5.06 -13.48
N LYS B 120 -0.60 4.86 -14.45
CA LYS B 120 -0.17 4.75 -15.85
C LYS B 120 -0.05 6.14 -16.45
N TRP B 121 1.14 6.43 -16.99
CA TRP B 121 1.37 7.70 -17.65
C TRP B 121 0.63 7.65 -18.98
N GLN B 122 0.05 8.77 -19.39
CA GLN B 122 -0.73 8.81 -20.63
C GLN B 122 -0.08 9.75 -21.63
N THR B 123 0.78 9.21 -22.49
CA THR B 123 1.59 10.04 -23.38
C THR B 123 0.71 10.84 -24.34
N ASP B 124 -0.39 10.25 -24.78
CA ASP B 124 -1.23 10.94 -25.75
CA ASP B 124 -1.31 10.89 -25.72
C ASP B 124 -1.94 12.17 -25.14
N LYS B 125 -2.01 12.23 -23.82
CA LYS B 125 -2.62 13.39 -23.17
C LYS B 125 -1.61 14.38 -22.60
N TRP B 126 -0.52 13.86 -22.04
CA TRP B 126 0.36 14.68 -21.23
C TRP B 126 1.76 14.83 -21.81
N GLY B 127 1.97 14.30 -23.00
CA GLY B 127 3.28 14.38 -23.62
C GLY B 127 4.25 13.38 -23.02
N GLU B 128 5.55 13.65 -23.19
CA GLU B 128 6.59 12.70 -22.81
C GLU B 128 6.66 12.48 -21.31
N ILE B 129 6.89 11.24 -20.89
CA ILE B 129 7.11 11.03 -19.47
C ILE B 129 8.36 11.82 -19.10
N LYS B 130 8.26 12.59 -18.02
CA LYS B 130 9.28 13.56 -17.65
C LYS B 130 10.66 12.92 -17.60
N ALA B 131 11.62 13.54 -18.28
CA ALA B 131 12.98 13.02 -18.46
C ALA B 131 13.08 11.49 -18.52
P UCL C 7 -15.94 25.84 0.44
O1P UCL C 7 -14.96 26.92 0.81
O2P UCL C 7 -17.37 25.93 0.95
O5' UCL C 7 -15.99 25.72 -1.16
C5' UCL C 7 -14.81 25.28 -1.84
C4' UCL C 7 -15.14 24.85 -3.26
O4' UCL C 7 -15.85 23.61 -3.30
C3' UCL C 7 -16.00 25.87 -4.00
O3' UCL C 7 -15.19 26.31 -5.09
C2' UCL C 7 -17.22 25.10 -4.49
C1' UCL C 7 -16.80 23.64 -4.37
N1 UCL C 7 -17.89 22.68 -4.10
C2 UCL C 7 -18.18 21.69 -5.07
O2 UCL C 7 -17.53 21.68 -6.13
N3 UCL C 7 -19.15 20.77 -4.88
C4 UCL C 7 -19.85 20.76 -3.76
O4 UCL C 7 -20.75 19.91 -3.58
C5 UCL C 7 -19.56 21.78 -2.72
C6 UCL C 7 -18.57 22.72 -2.94
CL UCL C 7 -20.48 21.79 -1.25
P UCL D 7 -16.83 14.32 -13.79
O1P UCL D 7 -16.36 14.51 -15.22
O2P UCL D 7 -16.74 12.96 -13.15
O5' UCL D 7 -16.04 15.39 -12.87
C5' UCL D 7 -15.97 16.75 -13.32
C4' UCL D 7 -15.51 17.66 -12.19
O4' UCL D 7 -16.26 17.49 -11.00
C3' UCL D 7 -14.05 17.46 -11.82
O3' UCL D 7 -13.41 18.69 -12.15
C2' UCL D 7 -14.02 17.23 -10.31
C1' UCL D 7 -15.42 17.66 -9.85
N1 UCL D 7 -15.97 16.91 -8.71
C2 UCL D 7 -16.09 17.56 -7.46
O2 UCL D 7 -15.70 18.73 -7.33
N3 UCL D 7 -16.62 16.93 -6.38
C4 UCL D 7 -17.05 15.67 -6.48
O4 UCL D 7 -17.54 15.10 -5.48
C5 UCL D 7 -16.94 14.97 -7.79
C6 UCL D 7 -16.39 15.65 -8.87
CL UCL D 7 -17.49 13.35 -7.95
P UCL E 7 -10.97 -11.92 -28.64
O1P UCL E 7 -11.45 -10.88 -29.64
O2P UCL E 7 -11.85 -12.28 -27.46
O5' UCL E 7 -10.59 -13.25 -29.45
C5' UCL E 7 -9.45 -13.12 -30.30
C4' UCL E 7 -8.92 -14.51 -30.62
O4' UCL E 7 -8.03 -15.03 -29.63
C3' UCL E 7 -10.06 -15.48 -30.73
O3' UCL E 7 -9.96 -16.05 -32.02
C2' UCL E 7 -9.75 -16.59 -29.75
C1' UCL E 7 -8.26 -16.43 -29.53
N1 UCL E 7 -7.80 -16.94 -28.24
C2 UCL E 7 -6.72 -17.87 -28.20
O2 UCL E 7 -6.20 -18.26 -29.26
N3 UCL E 7 -6.26 -18.36 -27.04
C4 UCL E 7 -6.81 -17.99 -25.88
O4 UCL E 7 -6.36 -18.44 -24.80
C5 UCL E 7 -7.93 -17.01 -25.89
C6 UCL E 7 -8.38 -16.52 -27.11
CL UCL E 7 -8.66 -16.48 -24.42
P UCL F 7 2.51 -25.19 -29.60
O1P UCL F 7 3.77 -24.82 -30.36
O2P UCL F 7 1.84 -26.51 -29.88
O5' UCL F 7 1.45 -24.00 -29.86
C5' UCL F 7 0.62 -24.08 -31.02
C4' UCL F 7 0.09 -22.72 -31.46
O4' UCL F 7 -0.48 -21.99 -30.37
C3' UCL F 7 1.18 -21.83 -32.04
O3' UCL F 7 0.90 -21.30 -33.36
C2' UCL F 7 1.34 -20.67 -31.08
C1' UCL F 7 -0.01 -20.63 -30.39
N1 UCL F 7 -0.01 -20.08 -29.03
C2 UCL F 7 -1.01 -19.14 -28.71
O2 UCL F 7 -1.84 -18.81 -29.58
N3 UCL F 7 -1.10 -18.60 -27.49
C4 UCL F 7 -0.22 -18.93 -26.55
O4 UCL F 7 -0.31 -18.42 -25.41
C5 UCL F 7 0.85 -19.92 -26.87
C6 UCL F 7 0.91 -20.47 -28.13
CL UCL F 7 2.00 -20.38 -25.66
C1 GOL G . -1.15 1.06 -6.01
O1 GOL G . -1.11 1.85 -4.85
C2 GOL G . -2.58 0.97 -6.52
O2 GOL G . -2.64 0.06 -7.61
C3 GOL G . -3.07 2.37 -6.93
O3 GOL G . -2.27 2.83 -8.00
MG MG H . -3.59 3.12 8.30
C1 GOL I . -7.95 12.64 4.88
O1 GOL I . -9.04 13.54 4.92
C2 GOL I . -8.47 11.27 4.43
O2 GOL I . -9.53 10.90 5.28
C3 GOL I . -7.36 10.23 4.49
O3 GOL I . -7.75 9.06 3.81
MG MG J . 10.33 -12.95 -29.10
C1 EDO K . 3.47 -2.84 -35.12
O1 EDO K . 3.21 -1.50 -34.68
C2 EDO K . 4.49 -3.47 -34.18
O2 EDO K . 5.46 -2.48 -33.81
C1 EDO L . 6.02 -10.14 -31.89
O1 EDO L . 6.73 -10.69 -30.77
C2 EDO L . 4.88 -11.07 -32.26
O2 EDO L . 3.64 -10.38 -32.07
#